data_8YBE
#
_entry.id   8YBE
#
_cell.length_a   1.00
_cell.length_b   1.00
_cell.length_c   1.00
_cell.angle_alpha   90.00
_cell.angle_beta   90.00
_cell.angle_gamma   90.00
#
_symmetry.space_group_name_H-M   'P 1'
#
loop_
_entity.id
_entity.type
_entity.pdbx_description
1 polymer 'Maltose/maltodextrin-binding periplasmic protein'
2 branched alpha-D-glucopyranose-(1-4)-alpha-D-glucopyranose
3 water water
#
_entity_poly.entity_id   1
_entity_poly.type   'polypeptide(L)'
_entity_poly.pdbx_seq_one_letter_code
;MKIEEGKLVIWINGDKGYNGLAEVGKKFEKDTGIKVTVEHPDKLEEKFPQVAATGDGPDIIFWAHDRFGGYAQSGLLAEI
TPDKAFQDKLYPFTWDAVRYNGKLIAYPIAVEALSLIYNKDLLPNPPKTWEEIPALDKELKAKGKSALMFNLQEPYFTWP
LIAADGGYAFKYENGKYDIKDVGVDNAGAKAGLTFLVDLIKNKHMNADTDYSIAEAAFNKGETAMTINGPWAWSNIDTSK
VNYGVTVLPTFKGQPSKPFVGVLSAGINAASPNKELAKEFLENYLLTDEGLEAVNKDKPLGAVALKSYEEELVKDPRIAA
TMENAQKGEIMPNIPQMSAFWYAVRTAVINAASGRQTVDEALKDAQTRITK
;
_entity_poly.pdbx_strand_id   A
#
loop_
_chem_comp.id
_chem_comp.type
_chem_comp.name
_chem_comp.formula
GLC D-saccharide, alpha linking alpha-D-glucopyranose 'C6 H12 O6'
#
# COMPACT_ATOMS: atom_id res chain seq x y z
N LYS A 2 -2.73 10.61 -27.32
CA LYS A 2 -1.92 9.60 -26.67
C LYS A 2 -1.30 10.23 -25.46
N ILE A 3 0.02 10.24 -25.39
CA ILE A 3 0.70 10.93 -24.31
C ILE A 3 1.34 12.12 -24.97
N GLU A 4 0.86 13.32 -24.68
CA GLU A 4 1.40 14.49 -25.34
C GLU A 4 2.87 14.72 -25.04
N GLU A 5 3.67 14.99 -26.07
CA GLU A 5 5.09 15.29 -25.87
C GLU A 5 5.27 16.65 -25.23
N GLY A 6 6.34 16.82 -24.46
CA GLY A 6 6.61 18.09 -23.83
C GLY A 6 5.85 18.34 -22.58
N LYS A 7 5.19 17.32 -22.09
CA LYS A 7 4.44 17.45 -20.88
C LYS A 7 4.49 16.15 -20.15
N LEU A 8 4.45 16.20 -18.85
CA LEU A 8 4.39 14.99 -18.05
C LEU A 8 3.02 14.91 -17.40
N VAL A 9 2.32 13.81 -17.66
CA VAL A 9 1.07 13.51 -16.99
C VAL A 9 1.35 12.37 -16.03
N ILE A 10 1.01 12.58 -14.76
CA ILE A 10 1.39 11.67 -13.70
C ILE A 10 0.13 11.19 -12.98
N TRP A 11 0.05 9.88 -12.76
CA TRP A 11 -1.06 9.27 -12.05
C TRP A 11 -0.56 8.74 -10.72
N ILE A 12 -1.19 9.19 -9.64
CA ILE A 12 -0.86 8.76 -8.29
C ILE A 12 -2.16 8.71 -7.51
N ASN A 13 -2.21 7.83 -6.51
CA ASN A 13 -3.46 7.61 -5.80
C ASN A 13 -3.80 8.80 -4.91
N GLY A 14 -5.11 8.97 -4.67
CA GLY A 14 -5.59 10.13 -3.95
C GLY A 14 -5.08 10.22 -2.52
N ASP A 15 -4.90 9.07 -1.87
CA ASP A 15 -4.37 9.07 -0.50
C ASP A 15 -2.93 9.56 -0.49
N LYS A 16 -2.21 9.38 -1.59
CA LYS A 16 -0.83 9.83 -1.67
C LYS A 16 -0.76 11.34 -1.90
N GLY A 17 0.45 11.88 -1.70
CA GLY A 17 0.64 13.31 -1.79
C GLY A 17 0.72 13.84 -3.20
N TYR A 18 -0.42 13.86 -3.89
CA TYR A 18 -0.44 14.35 -5.27
C TYR A 18 -0.20 15.85 -5.31
N ASN A 19 -0.63 16.59 -4.28
CA ASN A 19 -0.34 18.03 -4.25
C ASN A 19 1.15 18.29 -4.08
N GLY A 20 1.81 17.52 -3.21
CA GLY A 20 3.26 17.64 -3.10
C GLY A 20 3.97 17.24 -4.38
N LEU A 21 3.48 16.18 -5.03
CA LEU A 21 4.04 15.78 -6.32
C LEU A 21 3.82 16.86 -7.37
N ALA A 22 2.68 17.55 -7.30
CA ALA A 22 2.44 18.68 -8.19
C ALA A 22 3.37 19.84 -7.89
N GLU A 23 3.73 20.03 -6.62
CA GLU A 23 4.75 21.02 -6.28
C GLU A 23 6.10 20.65 -6.89
N VAL A 24 6.45 19.36 -6.84
CA VAL A 24 7.66 18.90 -7.52
C VAL A 24 7.55 19.15 -9.02
N GLY A 25 6.36 18.92 -9.59
CA GLY A 25 6.16 19.19 -11.00
C GLY A 25 6.27 20.66 -11.34
N LYS A 26 5.91 21.54 -10.41
CA LYS A 26 6.02 22.97 -10.63
C LYS A 26 7.48 23.34 -10.62
N LYS A 27 8.24 22.75 -9.70
CA LYS A 27 9.69 22.95 -9.73
C LYS A 27 10.29 22.47 -11.04
N PHE A 28 9.84 21.30 -11.51
CA PHE A 28 10.32 20.76 -12.78
C PHE A 28 9.99 21.70 -13.93
N GLU A 29 8.78 22.27 -13.93
CA GLU A 29 8.40 23.23 -14.95
C GLU A 29 9.23 24.50 -14.87
N LYS A 30 9.46 25.00 -13.66
CA LYS A 30 10.25 26.23 -13.52
C LYS A 30 11.66 26.02 -14.06
N ASP A 31 12.24 24.83 -13.84
CA ASP A 31 13.58 24.58 -14.34
C ASP A 31 13.61 24.27 -15.84
N THR A 32 12.65 23.49 -16.34
CA THR A 32 12.77 22.87 -17.66
C THR A 32 11.80 23.41 -18.71
N GLY A 33 10.79 24.17 -18.32
CA GLY A 33 9.75 24.60 -19.25
C GLY A 33 8.69 23.57 -19.56
N ILE A 34 8.68 22.44 -18.86
CA ILE A 34 7.79 21.32 -19.15
C ILE A 34 6.71 21.28 -18.09
N LYS A 35 5.45 21.42 -18.50
CA LYS A 35 4.34 21.27 -17.58
C LYS A 35 4.24 19.84 -17.07
N VAL A 36 4.03 19.71 -15.77
CA VAL A 36 3.74 18.42 -15.15
C VAL A 36 2.35 18.50 -14.56
N THR A 37 1.46 17.65 -15.04
CA THR A 37 0.11 17.56 -14.51
C THR A 37 0.01 16.29 -13.70
N VAL A 38 -0.32 16.43 -12.43
CA VAL A 38 -0.45 15.30 -11.52
C VAL A 38 -1.93 15.04 -11.34
N GLU A 39 -2.36 13.83 -11.68
CA GLU A 39 -3.75 13.44 -11.62
C GLU A 39 -3.88 12.27 -10.67
N HIS A 40 -5.04 12.17 -10.03
CA HIS A 40 -5.34 11.06 -9.13
C HIS A 40 -6.66 10.46 -9.58
N PRO A 41 -6.65 9.76 -10.72
CA PRO A 41 -7.89 9.11 -11.18
C PRO A 41 -8.30 8.00 -10.22
N ASP A 42 -9.60 7.85 -10.05
CA ASP A 42 -10.11 6.75 -9.24
C ASP A 42 -9.81 5.42 -9.93
N LYS A 43 -9.40 4.44 -9.14
CA LYS A 43 -9.06 3.12 -9.67
C LYS A 43 -7.96 3.22 -10.69
N LEU A 44 -6.95 4.01 -10.40
CA LEU A 44 -5.89 4.21 -11.38
C LEU A 44 -5.08 2.94 -11.63
N GLU A 45 -4.93 2.09 -10.61
CA GLU A 45 -4.21 0.83 -10.81
C GLU A 45 -4.90 -0.03 -11.87
N GLU A 46 -6.23 0.06 -11.95
CA GLU A 46 -6.97 -0.64 -12.99
C GLU A 46 -7.00 0.16 -14.30
N LYS A 47 -7.07 1.49 -14.18
CA LYS A 47 -7.25 2.35 -15.35
C LYS A 47 -6.00 2.40 -16.22
N PHE A 48 -4.83 2.45 -15.59
CA PHE A 48 -3.58 2.55 -16.34
C PHE A 48 -3.35 1.36 -17.27
N PRO A 49 -3.63 0.11 -16.88
CA PRO A 49 -3.49 -0.97 -17.87
C PRO A 49 -4.30 -0.74 -19.11
N GLN A 50 -5.55 -0.29 -18.98
CA GLN A 50 -6.41 -0.10 -20.14
C GLN A 50 -5.88 1.00 -21.05
N VAL A 51 -5.62 2.19 -20.49
CA VAL A 51 -5.20 3.31 -21.31
C VAL A 51 -3.80 3.09 -21.86
N ALA A 52 -2.91 2.52 -21.06
CA ALA A 52 -1.56 2.23 -21.50
C ALA A 52 -1.55 1.18 -22.62
N ALA A 53 -2.44 0.18 -22.52
CA ALA A 53 -2.59 -0.76 -23.60
C ALA A 53 -3.09 -0.05 -24.87
N THR A 54 -4.01 0.90 -24.72
CA THR A 54 -4.37 1.73 -25.85
C THR A 54 -3.22 2.61 -26.33
N GLY A 55 -2.20 2.83 -25.51
CA GLY A 55 -1.15 3.78 -25.80
C GLY A 55 -1.37 5.14 -25.18
N ASP A 56 -2.54 5.38 -24.63
CA ASP A 56 -2.82 6.59 -23.86
C ASP A 56 -2.33 6.43 -22.44
N GLY A 57 -2.48 7.48 -21.65
CA GLY A 57 -2.28 7.35 -20.23
C GLY A 57 -1.35 8.38 -19.65
N PRO A 58 -1.00 8.19 -18.38
CA PRO A 58 0.01 9.04 -17.76
C PRO A 58 1.38 8.79 -18.36
N ASP A 59 2.21 9.82 -18.36
CA ASP A 59 3.63 9.62 -18.65
C ASP A 59 4.29 8.81 -17.55
N ILE A 60 3.95 9.10 -16.30
CA ILE A 60 4.48 8.41 -15.13
C ILE A 60 3.30 7.86 -14.34
N ILE A 61 3.40 6.60 -13.94
CA ILE A 61 2.37 5.95 -13.15
C ILE A 61 2.94 5.64 -11.77
N PHE A 62 2.24 6.10 -10.74
CA PHE A 62 2.63 5.84 -9.35
C PHE A 62 1.69 4.82 -8.75
N TRP A 63 2.27 3.75 -8.21
CA TRP A 63 1.53 2.73 -7.49
C TRP A 63 2.52 1.90 -6.70
N ALA A 64 2.00 1.03 -5.85
CA ALA A 64 2.84 0.02 -5.24
C ALA A 64 3.36 -0.94 -6.31
N HIS A 65 4.59 -1.40 -6.13
CA HIS A 65 5.24 -2.25 -7.13
C HIS A 65 4.45 -3.47 -7.58
N ASP A 66 3.65 -4.03 -6.69
CA ASP A 66 2.92 -5.25 -7.03
C ASP A 66 2.24 -5.21 -8.40
N ARG A 67 1.82 -3.97 -8.77
CA ARG A 67 1.03 -3.86 -10.01
C ARG A 67 1.91 -3.65 -11.23
N PHE A 68 3.14 -3.26 -11.01
CA PHE A 68 4.10 -2.96 -12.08
C PHE A 68 4.60 -4.21 -12.79
N GLY A 69 4.66 -5.37 -12.14
CA GLY A 69 5.06 -6.61 -12.80
C GLY A 69 4.06 -7.02 -13.83
N GLY A 70 2.78 -6.87 -13.49
CA GLY A 70 1.75 -7.09 -14.50
C GLY A 70 1.80 -6.07 -15.61
N TYR A 71 2.08 -4.80 -15.26
CA TYR A 71 2.21 -3.77 -16.28
C TYR A 71 3.35 -4.09 -17.23
N ALA A 72 4.49 -4.51 -16.70
CA ALA A 72 5.67 -4.81 -17.51
C ALA A 72 5.46 -6.05 -18.35
N GLN A 73 4.74 -7.02 -17.82
CA GLN A 73 4.43 -8.18 -18.59
C GLN A 73 3.55 -7.76 -19.75
N SER A 74 2.59 -6.88 -19.51
CA SER A 74 1.77 -6.34 -20.59
C SER A 74 2.61 -5.52 -21.57
N GLY A 75 3.79 -5.05 -21.14
CA GLY A 75 4.58 -4.15 -21.95
C GLY A 75 4.29 -2.69 -21.71
N LEU A 76 3.48 -2.37 -20.70
CA LEU A 76 3.05 -1.00 -20.47
C LEU A 76 4.19 -0.12 -19.98
N LEU A 77 5.12 -0.71 -19.22
CA LEU A 77 6.19 0.04 -18.58
C LEU A 77 7.43 0.05 -19.47
N ALA A 78 7.98 1.23 -19.70
CA ALA A 78 9.31 1.32 -20.25
C ALA A 78 10.31 0.85 -19.22
N GLU A 79 11.32 0.10 -19.65
CA GLU A 79 12.38 -0.27 -18.73
C GLU A 79 13.11 0.99 -18.32
N ILE A 80 13.13 1.26 -17.03
CA ILE A 80 13.87 2.42 -16.55
C ILE A 80 15.35 2.08 -16.58
N THR A 81 16.16 3.09 -16.83
CA THR A 81 17.60 2.92 -17.02
C THR A 81 18.35 3.86 -16.08
N PRO A 82 18.22 3.66 -14.77
CA PRO A 82 19.01 4.48 -13.84
C PRO A 82 20.45 4.01 -13.84
N ASP A 83 21.37 4.95 -13.76
CA ASP A 83 22.76 4.56 -13.67
C ASP A 83 23.04 3.97 -12.30
N LYS A 84 24.20 3.31 -12.19
CA LYS A 84 24.55 2.62 -10.96
C LYS A 84 24.61 3.58 -9.78
N ALA A 85 25.00 4.83 -10.03
CA ALA A 85 25.04 5.81 -8.96
C ALA A 85 23.65 6.10 -8.40
N PHE A 86 22.65 6.25 -9.28
CA PHE A 86 21.30 6.51 -8.80
C PHE A 86 20.73 5.28 -8.10
N GLN A 87 21.06 4.09 -8.62
CA GLN A 87 20.66 2.87 -7.94
C GLN A 87 21.31 2.77 -6.56
N ASP A 88 22.55 3.27 -6.43
CA ASP A 88 23.19 3.36 -5.12
C ASP A 88 22.46 4.34 -4.22
N LYS A 89 21.93 5.43 -4.79
CA LYS A 89 21.15 6.36 -4.00
C LYS A 89 19.91 5.70 -3.42
N LEU A 90 19.25 4.85 -4.19
CA LEU A 90 18.07 4.16 -3.66
C LEU A 90 18.43 2.84 -3.00
N TYR A 91 17.53 2.35 -2.14
CA TYR A 91 17.76 1.09 -1.43
C TYR A 91 17.67 -0.12 -2.35
N PRO A 92 18.57 -1.10 -2.17
CA PRO A 92 18.54 -2.31 -3.01
C PRO A 92 17.26 -3.12 -2.91
N PHE A 93 16.63 -3.22 -1.74
CA PHE A 93 15.41 -4.02 -1.65
C PHE A 93 14.27 -3.32 -2.40
N THR A 94 14.26 -1.99 -2.40
CA THR A 94 13.32 -1.25 -3.23
C THR A 94 13.56 -1.51 -4.71
N TRP A 95 14.84 -1.55 -5.12
CA TRP A 95 15.15 -1.91 -6.50
C TRP A 95 14.68 -3.33 -6.82
N ASP A 96 14.85 -4.26 -5.88
CA ASP A 96 14.37 -5.62 -6.09
C ASP A 96 12.85 -5.64 -6.22
N ALA A 97 12.17 -4.79 -5.44
CA ALA A 97 10.72 -4.67 -5.56
C ALA A 97 10.32 -4.20 -6.95
N VAL A 98 11.09 -3.28 -7.54
CA VAL A 98 10.76 -2.80 -8.87
C VAL A 98 11.46 -3.58 -9.99
N ARG A 99 12.05 -4.72 -9.70
CA ARG A 99 12.67 -5.51 -10.73
C ARG A 99 11.74 -6.59 -11.23
N TYR A 100 11.61 -6.70 -12.53
CA TYR A 100 10.72 -7.67 -13.10
C TYR A 100 11.39 -8.32 -14.29
N ASN A 101 11.53 -9.63 -14.23
CA ASN A 101 12.21 -10.37 -15.30
C ASN A 101 13.61 -9.83 -15.57
N GLY A 102 14.33 -9.53 -14.49
CA GLY A 102 15.70 -9.09 -14.61
C GLY A 102 15.88 -7.65 -15.04
N LYS A 103 14.80 -6.87 -15.09
CA LYS A 103 14.86 -5.48 -15.53
C LYS A 103 14.15 -4.62 -14.50
N LEU A 104 14.67 -3.40 -14.33
CA LEU A 104 14.02 -2.41 -13.47
C LEU A 104 12.95 -1.71 -14.28
N ILE A 105 11.69 -1.89 -13.87
CA ILE A 105 10.55 -1.44 -14.66
C ILE A 105 9.82 -0.27 -14.02
N ALA A 106 10.27 0.19 -12.86
CA ALA A 106 9.71 1.36 -12.21
C ALA A 106 10.75 1.96 -11.29
N TYR A 107 10.55 3.22 -10.92
CA TYR A 107 11.43 3.87 -9.97
C TYR A 107 10.83 3.72 -8.58
N PRO A 108 11.52 3.08 -7.64
CA PRO A 108 10.98 3.01 -6.28
C PRO A 108 11.03 4.37 -5.61
N ILE A 109 9.92 4.75 -4.99
CA ILE A 109 9.78 6.06 -4.35
C ILE A 109 9.78 5.92 -2.84
N ALA A 110 8.95 5.01 -2.32
CA ALA A 110 8.81 4.86 -0.88
C ALA A 110 8.28 3.50 -0.48
N VAL A 111 8.70 3.01 0.66
CA VAL A 111 8.22 1.73 1.16
C VAL A 111 7.06 1.98 2.10
N GLU A 112 5.94 1.35 1.81
CA GLU A 112 4.74 1.57 2.59
C GLU A 112 4.28 0.25 3.19
N ALA A 113 4.08 0.24 4.51
CA ALA A 113 3.51 -0.89 5.21
C ALA A 113 2.41 -0.40 6.12
N LEU A 114 1.37 -1.20 6.27
CA LEU A 114 0.32 -0.87 7.21
C LEU A 114 0.84 -0.94 8.63
N SER A 115 0.39 0.00 9.45
CA SER A 115 0.71 0.02 10.87
C SER A 115 -0.58 0.23 11.64
N LEU A 116 -0.56 -0.19 12.90
CA LEU A 116 -1.68 0.08 13.77
C LEU A 116 -1.60 1.52 14.25
N ILE A 117 -2.61 2.31 13.91
CA ILE A 117 -2.70 3.69 14.34
C ILE A 117 -3.80 3.77 15.40
N TYR A 118 -3.45 4.26 16.57
CA TYR A 118 -4.35 4.25 17.71
C TYR A 118 -4.42 5.64 18.31
N ASN A 119 -5.56 5.94 18.91
CA ASN A 119 -5.77 7.21 19.58
C ASN A 119 -5.26 7.05 21.00
N LYS A 120 -4.21 7.80 21.34
CA LYS A 120 -3.57 7.64 22.64
C LYS A 120 -4.49 8.03 23.78
N ASP A 121 -5.35 9.02 23.56
CA ASP A 121 -6.33 9.38 24.58
C ASP A 121 -7.34 8.26 24.80
N LEU A 122 -7.92 7.72 23.72
CA LEU A 122 -8.82 6.58 23.85
C LEU A 122 -8.07 5.34 24.29
N LEU A 123 -6.86 5.15 23.77
CA LEU A 123 -6.07 3.94 24.02
C LEU A 123 -4.67 4.34 24.43
N PRO A 124 -4.37 4.42 25.73
CA PRO A 124 -2.98 4.72 26.12
C PRO A 124 -1.99 3.67 25.64
N ASN A 125 -2.40 2.40 25.63
CA ASN A 125 -1.56 1.31 25.13
C ASN A 125 -2.33 0.53 24.07
N PRO A 126 -1.86 0.49 22.82
CA PRO A 126 -2.55 -0.33 21.82
C PRO A 126 -2.40 -1.80 22.13
N PRO A 127 -3.41 -2.61 21.82
CA PRO A 127 -3.32 -4.04 22.09
C PRO A 127 -2.19 -4.70 21.32
N LYS A 128 -1.50 -5.64 21.93
CA LYS A 128 -0.39 -6.23 21.25
C LYS A 128 -0.91 -7.35 20.37
N THR A 129 -2.05 -7.88 20.73
CA THR A 129 -2.63 -8.97 19.97
C THR A 129 -4.01 -8.59 19.45
N TRP A 130 -4.41 -9.28 18.38
CA TRP A 130 -5.77 -9.14 17.86
C TRP A 130 -6.81 -9.61 18.86
N GLU A 131 -6.51 -10.69 19.60
CA GLU A 131 -7.50 -11.28 20.49
C GLU A 131 -7.93 -10.32 21.59
N GLU A 132 -7.07 -9.37 21.94
CA GLU A 132 -7.44 -8.34 22.91
C GLU A 132 -8.53 -7.43 22.37
N ILE A 133 -8.58 -7.25 21.06
CA ILE A 133 -9.46 -6.25 20.46
C ILE A 133 -10.94 -6.45 20.79
N PRO A 134 -11.48 -7.67 20.83
CA PRO A 134 -12.89 -7.79 21.23
C PRO A 134 -13.22 -7.24 22.60
N ALA A 135 -12.45 -7.60 23.63
CA ALA A 135 -12.71 -7.07 24.97
C ALA A 135 -12.47 -5.57 25.02
N LEU A 136 -11.42 -5.10 24.34
CA LEU A 136 -11.17 -3.67 24.28
C LEU A 136 -12.34 -2.94 23.61
N ASP A 137 -12.89 -3.51 22.54
CA ASP A 137 -14.03 -2.91 21.88
C ASP A 137 -15.24 -2.88 22.78
N LYS A 138 -15.45 -3.93 23.57
CA LYS A 138 -16.57 -3.92 24.50
C LYS A 138 -16.44 -2.77 25.50
N GLU A 139 -15.23 -2.61 26.06
CA GLU A 139 -15.00 -1.51 26.99
C GLU A 139 -15.21 -0.15 26.32
N LEU A 140 -14.72 0.00 25.09
CA LEU A 140 -14.85 1.28 24.41
C LEU A 140 -16.28 1.57 23.98
N LYS A 141 -17.01 0.53 23.56
CA LYS A 141 -18.42 0.68 23.23
C LYS A 141 -19.19 1.14 24.46
N ALA A 142 -18.78 0.70 25.65
CA ALA A 142 -19.34 1.27 26.85
C ALA A 142 -19.10 2.78 26.91
N LYS A 143 -17.97 3.24 26.40
CA LYS A 143 -17.61 4.66 26.40
C LYS A 143 -18.13 5.42 25.19
N GLY A 144 -18.84 4.79 24.28
CA GLY A 144 -19.31 5.45 23.08
C GLY A 144 -18.28 5.42 21.99
N LYS A 145 -17.36 4.47 22.04
CA LYS A 145 -16.26 4.43 21.10
C LYS A 145 -16.01 3.04 20.54
N SER A 146 -15.38 2.96 19.41
CA SER A 146 -15.03 1.67 18.84
C SER A 146 -13.54 1.48 18.96
N ALA A 147 -13.13 0.29 19.29
CA ALA A 147 -11.71 -0.02 19.35
C ALA A 147 -10.99 0.05 18.03
N LEU A 148 -11.50 -0.61 17.01
CA LEU A 148 -10.76 -0.70 15.75
C LEU A 148 -11.70 -0.49 14.58
N MET A 149 -11.40 0.52 13.77
CA MET A 149 -12.09 0.74 12.51
C MET A 149 -11.04 0.91 11.44
N PHE A 150 -11.04 -0.01 10.47
CA PHE A 150 -10.09 0.07 9.37
C PHE A 150 -10.78 -0.46 8.12
N ASN A 151 -10.21 -0.11 6.98
CA ASN A 151 -10.85 -0.42 5.70
C ASN A 151 -10.97 -1.92 5.51
N LEU A 152 -12.21 -2.40 5.42
CA LEU A 152 -12.49 -3.81 5.17
C LEU A 152 -12.80 -4.11 3.71
N GLN A 153 -13.01 -3.08 2.89
CA GLN A 153 -13.25 -3.30 1.47
C GLN A 153 -11.97 -3.67 0.74
N GLU A 154 -10.84 -3.14 1.18
CA GLU A 154 -9.61 -3.40 0.45
C GLU A 154 -8.86 -4.56 1.08
N PRO A 155 -8.47 -5.55 0.27
CA PRO A 155 -7.76 -6.72 0.83
C PRO A 155 -6.47 -6.36 1.51
N TYR A 156 -5.88 -5.23 1.11
CA TYR A 156 -4.57 -4.84 1.60
C TYR A 156 -4.58 -4.64 3.11
N PHE A 157 -5.65 -4.04 3.65
CA PHE A 157 -5.73 -3.82 5.08
C PHE A 157 -6.04 -5.10 5.86
N THR A 158 -6.86 -5.98 5.30
CA THR A 158 -7.18 -7.22 6.01
C THR A 158 -6.05 -8.24 5.89
N TRP A 159 -5.18 -8.08 4.90
CA TRP A 159 -4.14 -9.08 4.65
C TRP A 159 -3.20 -9.34 5.81
N PRO A 160 -2.79 -8.35 6.62
CA PRO A 160 -1.90 -8.70 7.75
C PRO A 160 -2.47 -9.76 8.67
N LEU A 161 -3.76 -9.67 8.99
CA LEU A 161 -4.41 -10.67 9.83
C LEU A 161 -4.42 -12.04 9.16
N ILE A 162 -4.71 -12.07 7.85
CA ILE A 162 -4.76 -13.32 7.11
C ILE A 162 -3.38 -13.96 7.02
N ALA A 163 -2.35 -13.15 6.81
CA ALA A 163 -0.99 -13.65 6.65
C ALA A 163 -0.37 -14.05 7.98
N ALA A 164 -0.86 -13.50 9.09
CA ALA A 164 -0.18 -13.67 10.38
C ALA A 164 0.00 -15.13 10.75
N ASP A 165 -1.03 -15.96 10.58
CA ASP A 165 -0.99 -17.34 11.03
C ASP A 165 -0.61 -18.32 9.92
N GLY A 166 -0.26 -17.82 8.73
CA GLY A 166 0.20 -18.71 7.69
C GLY A 166 -0.27 -18.39 6.29
N GLY A 167 -1.18 -17.42 6.15
CA GLY A 167 -1.63 -17.03 4.83
C GLY A 167 -0.52 -16.38 4.02
N TYR A 168 -0.47 -16.71 2.74
CA TYR A 168 0.48 -16.07 1.83
C TYR A 168 -0.13 -15.99 0.44
N ALA A 169 0.30 -14.98 -0.32
CA ALA A 169 -0.18 -14.84 -1.69
C ALA A 169 0.37 -15.95 -2.57
N PHE A 170 1.68 -16.11 -2.60
CA PHE A 170 2.33 -17.07 -3.47
C PHE A 170 3.56 -17.60 -2.74
N LYS A 171 3.84 -18.86 -2.98
CA LYS A 171 5.01 -19.43 -2.37
C LYS A 171 6.25 -18.88 -3.03
N TYR A 172 7.14 -18.30 -2.24
CA TYR A 172 8.39 -17.84 -2.79
C TYR A 172 9.46 -18.77 -2.30
N GLU A 173 10.14 -19.40 -3.21
CA GLU A 173 11.27 -20.24 -2.86
C GLU A 173 12.21 -20.12 -4.00
N ASN A 174 13.49 -20.23 -3.76
CA ASN A 174 14.46 -20.24 -4.83
C ASN A 174 14.33 -18.98 -5.68
N GLY A 175 14.03 -17.86 -5.06
CA GLY A 175 13.94 -16.60 -5.78
C GLY A 175 12.97 -16.64 -6.92
N LYS A 176 11.85 -17.30 -6.71
CA LYS A 176 10.84 -17.41 -7.75
C LYS A 176 9.55 -17.71 -7.06
N TYR A 177 8.59 -16.82 -7.23
CA TYR A 177 7.28 -17.10 -6.65
C TYR A 177 6.59 -18.23 -7.41
N ASP A 178 5.91 -19.08 -6.66
CA ASP A 178 5.15 -20.18 -7.24
C ASP A 178 3.71 -19.71 -7.46
N ILE A 179 3.34 -19.53 -8.72
CA ILE A 179 1.99 -19.09 -9.03
C ILE A 179 0.97 -20.19 -8.71
N LYS A 180 1.39 -21.45 -8.86
CA LYS A 180 0.51 -22.57 -8.53
C LYS A 180 0.24 -22.63 -7.01
N ASP A 181 1.24 -22.33 -6.20
CA ASP A 181 1.16 -22.47 -4.75
C ASP A 181 0.66 -21.17 -4.12
N VAL A 182 -0.53 -21.22 -3.54
CA VAL A 182 -1.17 -20.06 -2.94
C VAL A 182 -1.64 -20.44 -1.54
N GLY A 183 -1.43 -19.53 -0.58
CA GLY A 183 -1.71 -19.76 0.81
C GLY A 183 -2.96 -19.14 1.40
N VAL A 184 -3.88 -18.63 0.57
CA VAL A 184 -5.06 -17.96 1.12
C VAL A 184 -6.06 -18.96 1.67
N ASP A 185 -6.06 -20.20 1.22
CA ASP A 185 -7.06 -21.12 1.77
C ASP A 185 -6.42 -22.07 2.76
N ASN A 186 -5.19 -21.80 3.15
CA ASN A 186 -4.59 -22.62 4.20
C ASN A 186 -5.16 -22.26 5.57
N ALA A 187 -4.78 -23.07 6.56
CA ALA A 187 -5.34 -22.96 7.90
C ALA A 187 -5.06 -21.62 8.54
N GLY A 188 -3.84 -21.08 8.36
CA GLY A 188 -3.52 -19.80 8.95
C GLY A 188 -4.32 -18.66 8.36
N ALA A 189 -4.48 -18.66 7.05
CA ALA A 189 -5.31 -17.65 6.39
C ALA A 189 -6.77 -17.79 6.84
N LYS A 190 -7.26 -19.02 6.96
CA LYS A 190 -8.61 -19.22 7.47
C LYS A 190 -8.74 -18.72 8.90
N ALA A 191 -7.72 -18.91 9.73
CA ALA A 191 -7.75 -18.41 11.09
C ALA A 191 -7.83 -16.88 11.11
N GLY A 192 -7.02 -16.22 10.30
CA GLY A 192 -7.06 -14.77 10.27
C GLY A 192 -8.39 -14.22 9.77
N LEU A 193 -8.88 -14.76 8.66
CA LEU A 193 -10.16 -14.30 8.14
C LEU A 193 -11.30 -14.64 9.09
N THR A 194 -11.23 -15.80 9.74
CA THR A 194 -12.25 -16.17 10.71
C THR A 194 -12.26 -15.21 11.88
N PHE A 195 -11.07 -14.81 12.36
CA PHE A 195 -11.03 -13.84 13.44
C PHE A 195 -11.65 -12.51 13.02
N LEU A 196 -11.33 -12.05 11.80
CA LEU A 196 -11.91 -10.80 11.32
C LEU A 196 -13.43 -10.90 11.22
N VAL A 197 -13.92 -12.01 10.69
CA VAL A 197 -15.35 -12.20 10.52
C VAL A 197 -16.04 -12.34 11.88
N ASP A 198 -15.36 -12.93 12.87
CA ASP A 198 -15.91 -12.97 14.22
C ASP A 198 -15.97 -11.57 14.83
N LEU A 199 -14.98 -10.72 14.53
CA LEU A 199 -15.07 -9.34 14.96
C LEU A 199 -16.29 -8.67 14.37
N ILE A 200 -16.56 -8.93 13.09
CA ILE A 200 -17.72 -8.35 12.44
C ILE A 200 -19.02 -8.92 12.99
N LYS A 201 -19.07 -10.24 13.18
CA LYS A 201 -20.28 -10.90 13.70
C LYS A 201 -20.60 -10.43 15.10
N ASN A 202 -19.57 -10.26 15.92
CA ASN A 202 -19.73 -9.80 17.29
C ASN A 202 -19.88 -8.29 17.37
N LYS A 203 -19.89 -7.62 16.21
CA LYS A 203 -20.17 -6.19 16.03
C LYS A 203 -19.03 -5.33 16.55
N HIS A 204 -17.85 -5.91 16.79
CA HIS A 204 -16.69 -5.08 17.07
C HIS A 204 -16.28 -4.28 15.84
N MET A 205 -16.51 -4.84 14.66
CA MET A 205 -16.25 -4.15 13.40
C MET A 205 -17.49 -4.27 12.53
N ASN A 206 -17.61 -3.34 11.58
CA ASN A 206 -18.70 -3.34 10.60
C ASN A 206 -18.13 -3.70 9.25
N ALA A 207 -18.78 -4.66 8.57
CA ALA A 207 -18.28 -5.13 7.28
C ALA A 207 -18.28 -4.01 6.25
N ASP A 208 -19.26 -3.12 6.32
CA ASP A 208 -19.37 -2.03 5.36
C ASP A 208 -18.28 -0.99 5.53
N THR A 209 -17.51 -1.05 6.61
CA THR A 209 -16.47 -0.05 6.85
C THR A 209 -15.48 -0.02 5.69
N ASP A 210 -15.22 1.18 5.20
CA ASP A 210 -14.29 1.37 4.10
C ASP A 210 -13.23 2.35 4.53
N TYR A 211 -12.41 2.82 3.60
CA TYR A 211 -11.31 3.71 3.96
C TYR A 211 -11.83 5.04 4.50
N SER A 212 -12.82 5.62 3.83
CA SER A 212 -13.34 6.93 4.26
C SER A 212 -13.99 6.84 5.64
N ILE A 213 -14.81 5.82 5.86
CA ILE A 213 -15.49 5.69 7.15
C ILE A 213 -14.48 5.46 8.27
N ALA A 214 -13.50 4.59 8.03
CA ALA A 214 -12.49 4.33 9.06
C ALA A 214 -11.67 5.57 9.36
N GLU A 215 -11.24 6.29 8.31
CA GLU A 215 -10.42 7.48 8.52
C GLU A 215 -11.21 8.55 9.24
N ALA A 216 -12.47 8.76 8.86
CA ALA A 216 -13.29 9.76 9.54
C ALA A 216 -13.54 9.38 10.99
N ALA A 217 -13.81 8.09 11.26
CA ALA A 217 -14.05 7.66 12.62
C ALA A 217 -12.82 7.87 13.49
N PHE A 218 -11.63 7.56 12.95
CA PHE A 218 -10.42 7.76 13.74
C PHE A 218 -10.13 9.25 13.93
N ASN A 219 -10.26 10.05 12.86
CA ASN A 219 -9.91 11.46 12.93
C ASN A 219 -10.87 12.23 13.83
N LYS A 220 -12.14 11.82 13.85
CA LYS A 220 -13.12 12.42 14.75
C LYS A 220 -12.99 11.91 16.19
N GLY A 221 -12.14 10.91 16.43
CA GLY A 221 -12.00 10.33 17.75
C GLY A 221 -13.02 9.27 18.09
N GLU A 222 -13.80 8.82 17.10
CA GLU A 222 -14.84 7.83 17.38
C GLU A 222 -14.24 6.45 17.62
N THR A 223 -13.17 6.11 16.91
CA THR A 223 -12.55 4.80 17.03
C THR A 223 -11.17 4.94 17.67
N ALA A 224 -10.84 3.98 18.54
CA ALA A 224 -9.55 4.00 19.22
C ALA A 224 -8.41 3.69 18.27
N MET A 225 -8.62 2.74 17.36
CA MET A 225 -7.55 2.27 16.48
C MET A 225 -8.01 2.30 15.04
N THR A 226 -7.04 2.49 14.14
CA THR A 226 -7.23 2.22 12.72
C THR A 226 -5.98 1.55 12.19
N ILE A 227 -6.14 0.83 11.10
CA ILE A 227 -5.01 0.25 10.38
C ILE A 227 -4.87 1.01 9.07
N ASN A 228 -3.74 1.67 8.89
CA ASN A 228 -3.56 2.51 7.71
C ASN A 228 -2.08 2.75 7.47
N GLY A 229 -1.79 3.15 6.24
CA GLY A 229 -0.45 3.50 5.85
C GLY A 229 -0.09 4.91 6.25
N PRO A 230 1.17 5.27 5.99
CA PRO A 230 1.65 6.61 6.39
C PRO A 230 0.90 7.76 5.74
N TRP A 231 0.29 7.53 4.58
CA TRP A 231 -0.43 8.60 3.89
C TRP A 231 -1.57 9.17 4.74
N ALA A 232 -2.18 8.34 5.59
CA ALA A 232 -3.25 8.79 6.47
C ALA A 232 -2.77 9.74 7.56
N TRP A 233 -1.47 9.73 7.87
CA TRP A 233 -0.96 10.49 8.99
C TRP A 233 -1.22 11.99 8.84
N SER A 234 -1.20 12.51 7.60
CA SER A 234 -1.49 13.93 7.43
C SER A 234 -2.91 14.28 7.86
N ASN A 235 -3.89 13.45 7.47
CA ASN A 235 -5.26 13.70 7.88
C ASN A 235 -5.43 13.53 9.38
N ILE A 236 -4.73 12.57 9.98
CA ILE A 236 -4.79 12.44 11.44
C ILE A 236 -4.15 13.65 12.12
N ASP A 237 -3.08 14.19 11.52
CA ASP A 237 -2.45 15.39 12.07
C ASP A 237 -3.39 16.58 12.02
N THR A 238 -4.09 16.76 10.90
CA THR A 238 -5.06 17.84 10.79
C THR A 238 -6.19 17.65 11.80
N SER A 239 -6.60 16.39 12.01
CA SER A 239 -7.67 16.09 12.96
C SER A 239 -7.31 16.51 14.37
N LYS A 240 -6.01 16.51 14.70
CA LYS A 240 -5.44 16.84 16.01
C LYS A 240 -5.68 15.71 17.01
N VAL A 241 -6.11 14.54 16.55
CA VAL A 241 -6.18 13.38 17.44
C VAL A 241 -4.77 13.02 17.89
N ASN A 242 -4.63 12.78 19.20
CA ASN A 242 -3.36 12.33 19.73
C ASN A 242 -3.20 10.86 19.39
N TYR A 243 -2.34 10.57 18.43
CA TYR A 243 -2.30 9.25 17.85
C TYR A 243 -0.88 8.74 17.83
N GLY A 244 -0.75 7.42 17.93
CA GLY A 244 0.52 6.76 17.77
C GLY A 244 0.45 5.75 16.65
N VAL A 245 1.61 5.52 16.04
CA VAL A 245 1.77 4.52 14.99
C VAL A 245 2.62 3.41 15.57
N THR A 246 2.12 2.18 15.50
CA THR A 246 2.73 1.08 16.22
C THR A 246 2.65 -0.18 15.38
N VAL A 247 3.32 -1.23 15.87
CA VAL A 247 3.29 -2.52 15.19
C VAL A 247 1.86 -3.05 15.16
N LEU A 248 1.51 -3.70 14.05
CA LEU A 248 0.21 -4.33 13.95
C LEU A 248 0.08 -5.44 15.00
N PRO A 249 -1.13 -5.66 15.53
CA PRO A 249 -1.29 -6.66 16.58
C PRO A 249 -0.96 -8.05 16.07
N THR A 250 -0.38 -8.86 16.95
CA THR A 250 -0.10 -10.26 16.62
C THR A 250 -1.39 -11.07 16.64
N PHE A 251 -1.44 -12.08 15.77
CA PHE A 251 -2.55 -13.01 15.73
C PHE A 251 -2.02 -14.41 16.00
N LYS A 252 -2.62 -15.09 16.98
CA LYS A 252 -2.19 -16.43 17.41
C LYS A 252 -0.70 -16.43 17.76
N GLY A 253 -0.23 -15.35 18.38
CA GLY A 253 1.14 -15.24 18.80
C GLY A 253 2.13 -14.94 17.69
N GLN A 254 1.63 -14.66 16.49
CA GLN A 254 2.46 -14.43 15.33
C GLN A 254 2.24 -13.01 14.81
N PRO A 255 3.30 -12.34 14.37
CA PRO A 255 3.13 -10.97 13.88
C PRO A 255 2.16 -10.92 12.72
N SER A 256 1.32 -9.89 12.70
CA SER A 256 0.58 -9.58 11.49
C SER A 256 1.59 -9.23 10.41
N LYS A 257 1.41 -9.81 9.23
CA LYS A 257 2.32 -9.54 8.13
C LYS A 257 1.64 -8.64 7.12
N PRO A 258 1.84 -7.32 7.17
CA PRO A 258 1.26 -6.46 6.14
C PRO A 258 1.99 -6.70 4.83
N PHE A 259 1.23 -6.75 3.74
CA PHE A 259 1.89 -6.83 2.46
C PHE A 259 2.58 -5.51 2.19
N VAL A 260 3.89 -5.58 1.99
CA VAL A 260 4.74 -4.39 1.99
C VAL A 260 4.81 -3.89 0.56
N GLY A 261 4.39 -2.65 0.36
CA GLY A 261 4.37 -2.06 -0.95
C GLY A 261 5.39 -0.95 -1.07
N VAL A 262 6.20 -1.03 -2.11
CA VAL A 262 7.10 0.06 -2.47
C VAL A 262 6.36 0.93 -3.46
N LEU A 263 6.04 2.15 -3.05
CA LEU A 263 5.44 3.09 -3.97
C LEU A 263 6.43 3.33 -5.10
N SER A 264 5.97 3.13 -6.33
CA SER A 264 6.88 3.08 -7.46
C SER A 264 6.38 3.99 -8.56
N ALA A 265 7.32 4.55 -9.31
CA ALA A 265 7.01 5.40 -10.43
C ALA A 265 7.41 4.66 -11.69
N GLY A 266 6.42 4.32 -12.50
CA GLY A 266 6.64 3.61 -13.74
C GLY A 266 6.44 4.55 -14.90
N ILE A 267 7.32 4.44 -15.89
CA ILE A 267 7.24 5.27 -17.09
C ILE A 267 6.47 4.48 -18.13
N ASN A 268 5.42 5.09 -18.67
CA ASN A 268 4.61 4.41 -19.67
C ASN A 268 5.47 4.16 -20.90
N ALA A 269 5.41 2.93 -21.42
CA ALA A 269 6.18 2.58 -22.61
C ALA A 269 5.68 3.35 -23.82
N ALA A 270 4.40 3.73 -23.82
CA ALA A 270 3.86 4.53 -24.91
C ALA A 270 4.36 5.97 -24.83
N SER A 271 4.88 6.40 -23.68
CA SER A 271 5.26 7.81 -23.51
C SER A 271 6.40 8.34 -24.39
N PRO A 272 6.17 9.45 -25.09
CA PRO A 272 7.24 10.07 -25.89
C PRO A 272 8.07 10.94 -24.98
N ASN A 273 7.71 10.99 -23.70
CA ASN A 273 8.41 11.79 -22.72
C ASN A 273 9.17 10.94 -21.72
N LYS A 274 9.72 9.81 -22.16
CA LYS A 274 10.47 8.95 -21.24
C LYS A 274 11.70 9.65 -20.69
N GLU A 275 12.40 10.42 -21.51
CA GLU A 275 13.56 11.14 -21.01
C GLU A 275 13.15 12.22 -20.01
N LEU A 276 12.06 12.93 -20.29
CA LEU A 276 11.56 13.93 -19.35
C LEU A 276 11.09 13.27 -18.05
N ALA A 277 10.45 12.11 -18.15
CA ALA A 277 10.00 11.38 -16.97
C ALA A 277 11.18 10.91 -16.14
N LYS A 278 12.21 10.38 -16.79
CA LYS A 278 13.42 9.97 -16.09
C LYS A 278 14.08 11.16 -15.40
N GLU A 279 14.15 12.30 -16.11
CA GLU A 279 14.71 13.50 -15.52
C GLU A 279 13.92 13.92 -14.28
N PHE A 280 12.59 13.96 -14.40
CA PHE A 280 11.74 14.37 -13.28
C PHE A 280 11.92 13.43 -12.10
N LEU A 281 11.83 12.13 -12.33
CA LEU A 281 11.88 11.19 -11.22
C LEU A 281 13.24 11.19 -10.56
N GLU A 282 14.32 11.09 -11.34
CA GLU A 282 15.65 10.95 -10.76
C GLU A 282 16.13 12.26 -10.13
N ASN A 283 15.96 13.39 -10.80
CA ASN A 283 16.59 14.63 -10.37
C ASN A 283 15.63 15.59 -9.69
N TYR A 284 14.32 15.35 -9.75
CA TYR A 284 13.36 16.20 -9.06
C TYR A 284 12.61 15.44 -7.98
N LEU A 285 11.99 14.30 -8.31
CA LEU A 285 11.27 13.55 -7.30
C LEU A 285 12.20 12.79 -6.37
N LEU A 286 13.03 11.92 -6.91
CA LEU A 286 13.88 11.06 -6.09
C LEU A 286 15.12 11.83 -5.62
N THR A 287 14.81 12.95 -4.97
CA THR A 287 15.75 13.81 -4.30
C THR A 287 15.15 14.15 -2.95
N ASP A 288 15.99 14.65 -2.04
CA ASP A 288 15.50 14.98 -0.72
C ASP A 288 14.39 16.01 -0.78
N GLU A 289 14.57 17.05 -1.59
CA GLU A 289 13.58 18.12 -1.67
C GLU A 289 12.28 17.64 -2.32
N GLY A 290 12.36 16.87 -3.40
CA GLY A 290 11.14 16.38 -4.04
C GLY A 290 10.37 15.40 -3.17
N LEU A 291 11.09 14.46 -2.55
CA LEU A 291 10.42 13.54 -1.65
C LEU A 291 9.86 14.28 -0.43
N GLU A 292 10.55 15.33 0.02
CA GLU A 292 10.02 16.14 1.10
C GLU A 292 8.74 16.85 0.68
N ALA A 293 8.68 17.36 -0.55
CA ALA A 293 7.47 18.01 -1.03
C ALA A 293 6.31 17.03 -1.07
N VAL A 294 6.53 15.82 -1.57
CA VAL A 294 5.46 14.83 -1.59
C VAL A 294 5.10 14.37 -0.18
N ASN A 295 6.11 14.20 0.67
CA ASN A 295 5.90 13.71 2.03
C ASN A 295 5.13 14.72 2.88
N LYS A 296 5.36 16.02 2.63
CA LYS A 296 4.67 17.05 3.39
C LYS A 296 3.18 17.04 3.11
N ASP A 297 2.80 16.80 1.84
CA ASP A 297 1.38 16.69 1.53
C ASP A 297 0.77 15.47 2.20
N LYS A 298 1.36 14.30 1.99
CA LYS A 298 0.96 13.07 2.63
C LYS A 298 2.25 12.29 2.86
N PRO A 299 2.46 11.75 4.07
CA PRO A 299 3.69 11.00 4.32
C PRO A 299 3.78 9.77 3.43
N LEU A 300 4.97 9.57 2.87
CA LEU A 300 5.21 8.46 1.96
C LEU A 300 5.60 7.18 2.69
N GLY A 301 6.00 7.28 3.94
CA GLY A 301 6.52 6.11 4.62
C GLY A 301 8.00 6.13 4.48
N ALA A 302 8.63 4.97 4.56
CA ALA A 302 10.05 4.92 4.34
C ALA A 302 10.26 5.24 2.88
N VAL A 303 11.28 6.00 2.57
CA VAL A 303 11.47 6.39 1.18
C VAL A 303 12.60 5.56 0.61
N ALA A 304 12.47 5.16 -0.65
CA ALA A 304 13.53 4.38 -1.28
C ALA A 304 14.86 5.12 -1.26
N LEU A 305 14.82 6.45 -1.32
CA LEU A 305 16.05 7.24 -1.27
C LEU A 305 16.68 7.14 0.11
N LYS A 306 17.95 6.71 0.14
CA LYS A 306 18.62 6.49 1.42
C LYS A 306 18.79 7.78 2.20
N SER A 307 19.20 8.85 1.52
CA SER A 307 19.53 10.11 2.22
C SER A 307 18.30 10.69 2.90
N TYR A 308 17.15 10.69 2.22
CA TYR A 308 15.93 11.17 2.85
C TYR A 308 15.46 10.22 3.93
N GLU A 309 15.63 8.92 3.76
CA GLU A 309 15.12 7.96 4.73
C GLU A 309 15.91 7.97 6.02
N GLU A 310 17.18 8.30 5.96
CA GLU A 310 17.94 8.43 7.19
C GLU A 310 17.36 9.54 8.08
N GLU A 311 16.85 10.61 7.46
CA GLU A 311 16.07 11.58 8.22
C GLU A 311 14.70 11.02 8.61
N LEU A 312 14.06 10.29 7.69
CA LEU A 312 12.69 9.83 7.94
C LEU A 312 12.64 8.72 9.00
N VAL A 313 13.66 7.84 9.04
CA VAL A 313 13.62 6.74 10.01
C VAL A 313 13.52 7.27 11.43
N LYS A 314 14.03 8.48 11.67
CA LYS A 314 14.01 9.05 13.02
C LYS A 314 12.58 9.23 13.51
N ASP A 315 11.63 9.46 12.61
CA ASP A 315 10.23 9.57 13.00
C ASP A 315 9.76 8.25 13.59
N PRO A 316 9.16 8.28 14.78
CA PRO A 316 8.62 7.02 15.36
C PRO A 316 7.57 6.37 14.49
N ARG A 317 6.76 7.17 13.79
CA ARG A 317 5.77 6.60 12.89
C ARG A 317 6.43 5.84 11.74
N ILE A 318 7.51 6.40 11.18
CA ILE A 318 8.27 5.70 10.15
C ILE A 318 8.93 4.45 10.72
N ALA A 319 9.41 4.54 11.97
CA ALA A 319 10.00 3.37 12.60
C ALA A 319 8.98 2.25 12.76
N ALA A 320 7.75 2.60 13.12
CA ALA A 320 6.69 1.61 13.21
C ALA A 320 6.34 1.04 11.83
N THR A 321 6.34 1.89 10.81
CA THR A 321 6.13 1.43 9.44
C THR A 321 7.19 0.41 9.04
N MET A 322 8.44 0.68 9.35
CA MET A 322 9.50 -0.24 9.00
C MET A 322 9.46 -1.50 9.86
N GLU A 323 9.06 -1.41 11.12
CA GLU A 323 8.89 -2.61 11.92
C GLU A 323 7.80 -3.50 11.33
N ASN A 324 6.69 -2.91 10.92
CA ASN A 324 5.62 -3.68 10.29
C ASN A 324 6.03 -4.21 8.93
N ALA A 325 6.87 -3.46 8.21
CA ALA A 325 7.39 -3.95 6.94
C ALA A 325 8.32 -5.14 7.14
N GLN A 326 9.16 -5.09 8.17
CA GLN A 326 10.03 -6.22 8.49
C GLN A 326 9.22 -7.45 8.85
N LYS A 327 8.18 -7.28 9.66
CA LYS A 327 7.33 -8.42 10.00
C LYS A 327 6.56 -8.91 8.78
N GLY A 328 6.12 -8.00 7.92
CA GLY A 328 5.40 -8.36 6.73
C GLY A 328 6.31 -8.78 5.59
N GLU A 329 5.68 -9.28 4.54
CA GLU A 329 6.38 -9.66 3.31
C GLU A 329 6.25 -8.54 2.29
N ILE A 330 7.35 -8.24 1.62
CA ILE A 330 7.25 -7.39 0.43
C ILE A 330 6.35 -8.10 -0.56
N MET A 331 5.46 -7.35 -1.20
CA MET A 331 4.54 -7.99 -2.12
C MET A 331 5.31 -8.63 -3.27
N PRO A 332 4.71 -9.67 -3.88
CA PRO A 332 5.35 -10.12 -5.10
C PRO A 332 4.87 -9.11 -6.12
N ASN A 333 5.68 -8.75 -7.10
CA ASN A 333 5.26 -7.84 -8.16
C ASN A 333 4.75 -8.60 -9.36
N ILE A 334 4.76 -9.91 -9.31
CA ILE A 334 4.34 -10.73 -10.45
C ILE A 334 2.94 -10.40 -11.00
N PRO A 335 2.72 -10.69 -12.28
CA PRO A 335 1.41 -10.35 -12.86
C PRO A 335 0.23 -10.99 -12.14
N GLN A 336 0.44 -12.16 -11.54
CA GLN A 336 -0.63 -12.86 -10.85
C GLN A 336 -1.13 -12.10 -9.63
N MET A 337 -0.39 -11.09 -9.17
CA MET A 337 -0.76 -10.37 -7.96
C MET A 337 -2.07 -9.61 -8.11
N SER A 338 -2.42 -9.20 -9.31
CA SER A 338 -3.67 -8.48 -9.48
C SER A 338 -4.79 -9.44 -9.23
N ALA A 339 -4.70 -10.59 -9.88
CA ALA A 339 -5.72 -11.61 -9.67
C ALA A 339 -5.78 -12.01 -8.20
N PHE A 340 -4.62 -12.09 -7.54
CA PHE A 340 -4.60 -12.40 -6.12
C PHE A 340 -5.36 -11.35 -5.32
N TRP A 341 -5.12 -10.08 -5.61
CA TRP A 341 -5.78 -9.01 -4.88
C TRP A 341 -7.27 -9.01 -5.14
N TYR A 342 -7.68 -9.24 -6.38
CA TYR A 342 -9.11 -9.34 -6.68
C TYR A 342 -9.77 -10.47 -5.93
N ALA A 343 -9.13 -11.64 -5.92
CA ALA A 343 -9.71 -12.80 -5.26
C ALA A 343 -9.78 -12.60 -3.75
N VAL A 344 -8.74 -12.03 -3.16
CA VAL A 344 -8.74 -11.79 -1.72
C VAL A 344 -9.76 -10.73 -1.36
N ARG A 345 -9.93 -9.72 -2.23
CA ARG A 345 -10.97 -8.73 -2.03
C ARG A 345 -12.34 -9.38 -1.97
N THR A 346 -12.63 -10.24 -2.95
CA THR A 346 -13.90 -10.95 -2.94
C THR A 346 -14.05 -11.81 -1.70
N ALA A 347 -12.97 -12.50 -1.30
CA ALA A 347 -13.05 -13.38 -0.14
C ALA A 347 -13.33 -12.61 1.14
N VAL A 348 -12.59 -11.53 1.38
CA VAL A 348 -12.80 -10.76 2.60
C VAL A 348 -14.18 -10.12 2.60
N ILE A 349 -14.60 -9.54 1.47
CA ILE A 349 -15.91 -8.88 1.44
C ILE A 349 -17.02 -9.89 1.67
N ASN A 350 -16.96 -11.04 0.99
CA ASN A 350 -18.00 -12.05 1.14
C ASN A 350 -18.03 -12.62 2.56
N ALA A 351 -16.87 -12.95 3.11
CA ALA A 351 -16.82 -13.49 4.46
C ALA A 351 -17.28 -12.46 5.48
N ALA A 352 -16.92 -11.19 5.30
CA ALA A 352 -17.35 -10.15 6.21
C ALA A 352 -18.85 -9.95 6.16
N SER A 353 -19.43 -9.95 4.96
CA SER A 353 -20.87 -9.77 4.82
C SER A 353 -21.62 -10.99 5.32
N GLY A 354 -20.99 -12.16 5.30
CA GLY A 354 -21.70 -13.40 5.53
C GLY A 354 -22.26 -14.01 4.28
N ARG A 355 -21.95 -13.46 3.11
CA ARG A 355 -22.42 -14.01 1.85
C ARG A 355 -21.80 -15.35 1.65
N GLN A 356 -20.57 -15.48 2.07
CA GLN A 356 -19.83 -16.73 1.97
C GLN A 356 -19.20 -17.02 3.32
N THR A 357 -19.04 -18.29 3.64
CA THR A 357 -18.27 -18.65 4.83
C THR A 357 -16.80 -18.29 4.60
N VAL A 358 -16.04 -18.24 5.69
CA VAL A 358 -14.61 -17.97 5.56
C VAL A 358 -13.94 -19.03 4.70
N ASP A 359 -14.29 -20.30 4.93
CA ASP A 359 -13.71 -21.39 4.15
C ASP A 359 -14.13 -21.32 2.68
N GLU A 360 -15.42 -21.06 2.41
CA GLU A 360 -15.86 -20.94 1.02
C GLU A 360 -15.17 -19.77 0.32
N ALA A 361 -15.08 -18.63 1.01
CA ALA A 361 -14.47 -17.45 0.43
C ALA A 361 -13.00 -17.68 0.13
N LEU A 362 -12.28 -18.30 1.08
CA LEU A 362 -10.85 -18.53 0.88
C LEU A 362 -10.60 -19.63 -0.15
N LYS A 363 -11.49 -20.63 -0.24
CA LYS A 363 -11.36 -21.62 -1.31
C LYS A 363 -11.54 -20.98 -2.68
N ASP A 364 -12.55 -20.12 -2.82
CA ASP A 364 -12.74 -19.42 -4.08
C ASP A 364 -11.56 -18.50 -4.37
N ALA A 365 -11.05 -17.83 -3.33
CA ALA A 365 -9.87 -16.99 -3.50
C ALA A 365 -8.67 -17.81 -3.94
N GLN A 366 -8.48 -18.99 -3.36
CA GLN A 366 -7.38 -19.86 -3.78
C GLN A 366 -7.50 -20.22 -5.25
N THR A 367 -8.71 -20.61 -5.67
CA THR A 367 -8.92 -20.98 -7.07
C THR A 367 -8.63 -19.80 -8.00
N ARG A 368 -8.95 -18.60 -7.55
N ARG A 368 -8.95 -18.60 -7.55
CA ARG A 368 -8.76 -17.42 -8.39
CA ARG A 368 -8.76 -17.42 -8.39
C ARG A 368 -7.39 -16.80 -8.31
C ARG A 368 -7.39 -16.80 -8.32
N ILE A 369 -6.66 -17.06 -7.24
CA ILE A 369 -5.31 -16.55 -7.12
C ILE A 369 -4.40 -17.52 -7.88
N THR A 370 -4.78 -18.79 -7.97
CA THR A 370 -4.04 -19.73 -8.81
C THR A 370 -4.30 -19.47 -10.28
N LYS A 371 -5.49 -18.97 -10.59
CA LYS A 371 -5.80 -18.61 -11.96
C LYS A 371 -5.38 -17.17 -12.20
C1 GLC B . -2.67 2.19 -0.48
C2 GLC B . -1.34 1.46 -0.63
C3 GLC B . -1.45 0.37 -1.69
C4 GLC B . -2.62 -0.53 -1.39
C5 GLC B . -3.89 0.28 -1.13
C6 GLC B . -5.02 -0.63 -0.71
O1 GLC B . -3.04 2.84 -1.70
O2 GLC B . -0.32 2.38 -1.01
O3 GLC B . -0.23 -0.39 -1.67
O4 GLC B . -2.90 -1.35 -2.52
O5 GLC B . -3.66 1.24 -0.10
O6 GLC B . -6.22 0.15 -0.70
C1 GLC B . -2.37 -2.66 -2.36
C2 GLC B . -1.76 -3.06 -3.70
C3 GLC B . -2.86 -3.00 -4.75
C4 GLC B . -3.96 -3.97 -4.34
C5 GLC B . -4.47 -3.59 -2.96
C6 GLC B . -5.55 -4.56 -2.50
O2 GLC B . -0.72 -2.16 -4.05
O3 GLC B . -2.33 -3.35 -6.02
O4 GLC B . -5.03 -3.92 -5.28
O5 GLC B . -3.38 -3.60 -2.04
O6 GLC B . -6.24 -3.95 -1.40
#